data_4B69
#
_entry.id   4B69
#
_cell.length_a   77.237
_cell.length_b   84.471
_cell.length_c   145.276
_cell.angle_alpha   90.00
_cell.angle_beta   90.00
_cell.angle_gamma   90.00
#
_symmetry.space_group_name_H-M   'I 2 2 2'
#
loop_
_entity.id
_entity.type
_entity.pdbx_description
1 polymer 'L-ORNITHINE N5 MONOOXYGENASE'
2 non-polymer 'FLAVIN-ADENINE DINUCLEOTIDE'
3 non-polymer L-ornithine
4 non-polymer 'SULFATE ION'
5 non-polymer GLYCEROL
6 water water
#
_entity_poly.entity_id   1
_entity_poly.type   'polypeptide(L)'
_entity_poly.pdbx_seq_one_letter_code
;MESVERKSESSYLGMRNMQPEQRLSLDPPRLRSTPQDELHDLLCVGFGPASLAIAIALHDALDPRLNKSASNIHAQPKIC
FLERQKQFAWHSGMLVPGSKMQISFIKDLATLRDPRSSFTFLNYLHQKGRLIHFTNLSTFLPARLEFEDYMRWCAQQFSD
VVAYGEEVVEVIPGKSDPSSSVVDFFTVRSRNVETGEISARRTRKVVIAIGGTAKMPSGLPQDPRIIHSSKYCTTLPALL
KDKSKPYNIAVLGSGQSAAEIFHDLQKRYPNSRTTLIMRDSAMRPSDDSPFVNEIFNPERVDKFYSQSAAERQRSLLADK
ATNYSVVRLELIEEIYNDMYLQRVKNPDETQWQHRILPERKITRVEHHGPQSRMRIHLKSSKPESEGAANDVKETLEVDA
LMVATGYNRNAHERLLSKVQHLRPTGQDQWKPHRDYRVEMDPSKVSSEAGIWLQGCNERTHGLSDSLLSVLAVRGGEMVQ
SIFGEQLERAAVQGHQLRAML
;
_entity_poly.pdbx_strand_id   A
#
loop_
_chem_comp.id
_chem_comp.type
_chem_comp.name
_chem_comp.formula
FAD non-polymer 'FLAVIN-ADENINE DINUCLEOTIDE' 'C27 H33 N9 O15 P2'
GOL non-polymer GLYCEROL 'C3 H8 O3'
SO4 non-polymer 'SULFATE ION' 'O4 S -2'
#
# COMPACT_ATOMS: atom_id res chain seq x y z
N ARG A 30 2.23 27.28 3.93
CA ARG A 30 1.68 26.42 5.03
C ARG A 30 0.16 26.32 4.92
N LEU A 31 -0.34 25.09 5.00
CA LEU A 31 -1.78 24.83 4.91
C LEU A 31 -2.46 24.92 6.27
N ARG A 32 -3.57 25.66 6.32
CA ARG A 32 -4.30 25.91 7.56
C ARG A 32 -5.56 25.06 7.64
N SER A 33 -6.00 24.80 8.88
CA SER A 33 -7.14 23.94 9.16
C SER A 33 -8.47 24.56 8.77
N THR A 34 -9.39 23.73 8.31
CA THR A 34 -10.76 24.13 8.01
C THR A 34 -11.67 23.58 9.10
N PRO A 35 -12.51 24.44 9.70
CA PRO A 35 -13.48 23.97 10.68
C PRO A 35 -14.35 22.84 10.13
N GLN A 36 -14.62 21.85 10.98
CA GLN A 36 -15.38 20.65 10.62
C GLN A 36 -16.71 20.95 9.92
N ASP A 37 -17.37 22.02 10.36
CA ASP A 37 -18.71 22.38 9.90
C ASP A 37 -18.78 23.06 8.53
N GLU A 38 -17.62 23.42 7.99
CA GLU A 38 -17.53 24.12 6.70
C GLU A 38 -17.50 23.18 5.51
N LEU A 39 -18.03 23.64 4.38
CA LEU A 39 -17.96 22.90 3.13
C LEU A 39 -16.55 22.93 2.55
N HIS A 40 -15.96 21.75 2.39
CA HIS A 40 -14.59 21.61 1.92
C HIS A 40 -14.53 21.57 0.42
N ASP A 41 -13.37 21.95 -0.13
CA ASP A 41 -13.11 21.79 -1.56
C ASP A 41 -12.70 20.35 -1.83
N LEU A 42 -11.85 19.82 -0.97
CA LEU A 42 -11.37 18.45 -1.08
C LEU A 42 -11.33 17.76 0.27
N LEU A 43 -11.72 16.48 0.27
CA LEU A 43 -11.57 15.63 1.43
C LEU A 43 -10.93 14.34 0.97
N CYS A 44 -9.78 14.02 1.56
CA CYS A 44 -9.06 12.80 1.20
CA CYS A 44 -9.04 12.79 1.21
C CYS A 44 -9.22 11.73 2.29
N VAL A 45 -9.48 10.51 1.85
CA VAL A 45 -9.65 9.38 2.75
C VAL A 45 -8.37 8.55 2.76
N GLY A 46 -7.74 8.50 3.92
CA GLY A 46 -6.44 7.87 4.09
C GLY A 46 -5.35 8.93 4.02
N PHE A 47 -4.32 8.76 4.84
CA PHE A 47 -3.12 9.59 4.73
C PHE A 47 -1.88 8.72 4.70
N GLY A 48 -1.82 7.85 3.69
CA GLY A 48 -0.61 7.11 3.38
C GLY A 48 0.14 7.83 2.27
N PRO A 49 1.17 7.18 1.71
CA PRO A 49 2.01 7.77 0.65
C PRO A 49 1.21 8.48 -0.46
N ALA A 50 0.16 7.82 -0.96
CA ALA A 50 -0.63 8.36 -2.07
C ALA A 50 -1.27 9.71 -1.75
N SER A 51 -1.91 9.80 -0.60
CA SER A 51 -2.52 11.05 -0.14
C SER A 51 -1.47 12.09 0.26
N LEU A 52 -0.38 11.63 0.87
CA LEU A 52 0.72 12.50 1.24
C LEU A 52 1.32 13.15 0.00
N ALA A 53 1.38 12.39 -1.10
CA ALA A 53 1.89 12.90 -2.37
C ALA A 53 1.02 14.03 -2.92
N ILE A 54 -0.30 13.93 -2.72
CA ILE A 54 -1.24 14.99 -3.12
C ILE A 54 -1.04 16.24 -2.27
N ALA A 55 -0.95 16.05 -0.95
CA ALA A 55 -0.71 17.15 -0.02
C ALA A 55 0.57 17.93 -0.38
N ILE A 56 1.65 17.19 -0.66
CA ILE A 56 2.93 17.77 -1.06
C ILE A 56 2.84 18.52 -2.38
N ALA A 57 2.14 17.92 -3.35
CA ALA A 57 1.92 18.53 -4.66
C ALA A 57 1.13 19.82 -4.57
N LEU A 58 0.15 19.86 -3.66
CA LEU A 58 -0.66 21.06 -3.43
C LEU A 58 0.16 22.17 -2.77
N HIS A 59 0.98 21.79 -1.79
CA HIS A 59 1.90 22.75 -1.17
C HIS A 59 2.78 23.38 -2.21
N ASP A 60 3.31 22.54 -3.10
CA ASP A 60 4.24 23.00 -4.14
C ASP A 60 3.55 23.86 -5.20
N ALA A 61 2.30 23.51 -5.54
CA ALA A 61 1.51 24.28 -6.49
C ALA A 61 1.11 25.64 -5.93
N LEU A 62 1.06 25.75 -4.60
CA LEU A 62 0.73 27.00 -3.91
C LEU A 62 1.97 27.80 -3.54
N ASP A 63 3.14 27.18 -3.65
CA ASP A 63 4.40 27.83 -3.32
C ASP A 63 4.82 28.75 -4.48
N PRO A 64 4.78 30.09 -4.25
CA PRO A 64 5.09 31.07 -5.28
C PRO A 64 6.55 30.99 -5.75
N ARG A 65 7.38 30.29 -4.97
CA ARG A 65 8.78 30.05 -5.31
C ARG A 65 8.91 28.98 -6.39
N LEU A 66 8.05 27.97 -6.33
CA LEU A 66 8.09 26.85 -7.28
C LEU A 66 7.11 27.06 -8.42
N ASN A 67 5.91 27.55 -8.10
CA ASN A 67 4.89 27.87 -9.09
C ASN A 67 4.71 29.38 -9.18
N LYS A 68 5.24 29.97 -10.25
CA LYS A 68 5.30 31.42 -10.43
C LYS A 68 3.94 32.11 -10.54
N SER A 69 2.89 31.34 -10.81
CA SER A 69 1.54 31.88 -10.93
C SER A 69 0.91 32.17 -9.56
N ALA A 70 1.02 31.21 -8.65
CA ALA A 70 0.44 31.34 -7.31
C ALA A 70 1.22 32.34 -6.46
N ALA A 75 -6.70 32.95 -1.63
CA ALA A 75 -7.45 32.11 -0.72
C ALA A 75 -7.05 30.64 -0.85
N GLN A 76 -6.64 30.05 0.28
CA GLN A 76 -6.24 28.65 0.35
C GLN A 76 -7.46 27.74 0.20
N PRO A 77 -7.30 26.64 -0.58
CA PRO A 77 -8.39 25.67 -0.69
C PRO A 77 -8.66 24.97 0.65
N LYS A 78 -9.93 24.73 0.93
CA LYS A 78 -10.35 24.07 2.16
C LYS A 78 -10.19 22.56 2.02
N ILE A 79 -9.15 22.03 2.65
CA ILE A 79 -8.77 20.62 2.49
C ILE A 79 -8.63 19.91 3.83
N CYS A 80 -8.96 18.63 3.86
CA CYS A 80 -8.80 17.81 5.07
C CYS A 80 -8.51 16.35 4.74
N PHE A 81 -7.61 15.76 5.54
CA PHE A 81 -7.21 14.37 5.37
C PHE A 81 -7.68 13.54 6.58
N LEU A 82 -8.33 12.41 6.31
CA LEU A 82 -8.79 11.52 7.37
C LEU A 82 -8.01 10.20 7.35
N GLU A 83 -7.41 9.87 8.49
CA GLU A 83 -6.55 8.69 8.63
C GLU A 83 -6.91 7.92 9.89
N ARG A 84 -7.11 6.61 9.75
CA ARG A 84 -7.57 5.76 10.86
C ARG A 84 -6.51 5.49 11.94
N GLN A 85 -5.24 5.49 11.53
CA GLN A 85 -4.12 5.33 12.47
C GLN A 85 -3.98 6.56 13.36
N LYS A 86 -3.43 6.38 14.55
CA LYS A 86 -3.29 7.46 15.53
C LYS A 86 -2.20 8.47 15.16
N GLN A 87 -1.23 8.01 14.37
CA GLN A 87 -0.19 8.87 13.80
C GLN A 87 0.26 8.27 12.47
N PHE A 88 1.09 9.00 11.73
CA PHE A 88 1.54 8.53 10.42
C PHE A 88 2.42 7.29 10.54
N ALA A 89 2.09 6.27 9.76
CA ALA A 89 2.85 5.03 9.71
C ALA A 89 2.76 4.44 8.31
N TRP A 90 3.76 3.65 7.93
CA TRP A 90 3.80 3.02 6.62
C TRP A 90 4.14 1.56 6.75
N HIS A 91 3.13 0.71 6.58
CA HIS A 91 3.26 -0.75 6.73
C HIS A 91 4.13 -1.11 7.91
N SER A 92 3.69 -0.71 9.09
CA SER A 92 4.48 -0.89 10.33
C SER A 92 4.65 -2.36 10.70
N GLY A 93 3.65 -3.18 10.39
CA GLY A 93 3.68 -4.62 10.66
C GLY A 93 4.66 -5.39 9.79
N MET A 94 5.21 -4.73 8.78
CA MET A 94 6.21 -5.35 7.90
C MET A 94 7.55 -4.61 7.89
N LEU A 95 7.75 -3.72 8.87
CA LEU A 95 9.03 -3.01 9.02
C LEU A 95 10.12 -3.91 9.62
N VAL A 96 10.47 -4.95 8.86
CA VAL A 96 11.49 -5.91 9.25
C VAL A 96 12.84 -5.21 9.37
N PRO A 97 13.61 -5.50 10.45
CA PRO A 97 14.97 -4.97 10.56
C PRO A 97 15.84 -5.45 9.39
N GLY A 98 16.60 -4.53 8.81
CA GLY A 98 17.43 -4.82 7.66
C GLY A 98 16.74 -4.70 6.31
N SER A 99 15.41 -4.58 6.33
CA SER A 99 14.64 -4.51 5.08
C SER A 99 14.92 -3.21 4.32
N LYS A 100 15.06 -3.33 3.01
CA LYS A 100 15.41 -2.20 2.16
C LYS A 100 14.26 -1.82 1.22
N MET A 101 14.31 -0.59 0.70
CA MET A 101 13.41 -0.16 -0.36
C MET A 101 13.70 -0.94 -1.64
N GLN A 102 12.65 -1.22 -2.41
CA GLN A 102 12.79 -1.88 -3.69
C GLN A 102 12.68 -0.88 -4.83
N ILE A 103 12.83 0.40 -4.51
CA ILE A 103 12.72 1.48 -5.47
C ILE A 103 13.81 2.53 -5.21
N SER A 104 14.30 3.15 -6.29
CA SER A 104 15.31 4.21 -6.18
C SER A 104 14.75 5.39 -5.41
N PHE A 105 15.61 6.02 -4.60
CA PHE A 105 15.20 7.16 -3.77
C PHE A 105 14.78 8.37 -4.59
N ILE A 106 15.20 8.40 -5.85
CA ILE A 106 14.81 9.45 -6.80
C ILE A 106 13.29 9.40 -7.03
N LYS A 107 12.73 8.20 -6.95
CA LYS A 107 11.29 8.03 -7.06
C LYS A 107 10.61 8.23 -5.71
N ASP A 108 10.99 9.32 -5.03
CA ASP A 108 10.38 9.72 -3.76
C ASP A 108 9.07 10.47 -4.01
N LEU A 109 8.59 11.22 -3.03
CA LEU A 109 7.28 11.85 -3.13
C LEU A 109 7.24 13.17 -3.91
N ALA A 110 8.40 13.66 -4.37
CA ALA A 110 8.47 14.97 -5.03
C ALA A 110 9.41 15.10 -6.24
N THR A 111 10.56 14.41 -6.19
CA THR A 111 11.65 14.65 -7.15
C THR A 111 11.27 14.56 -8.63
N LEU A 112 10.56 13.50 -9.01
CA LEU A 112 10.18 13.29 -10.41
C LEU A 112 9.25 14.37 -10.96
N ARG A 113 8.55 15.06 -10.05
CA ARG A 113 7.71 16.19 -10.44
C ARG A 113 8.51 17.50 -10.42
N ASP A 114 9.29 17.71 -9.36
CA ASP A 114 10.16 18.87 -9.23
C ASP A 114 11.28 18.59 -8.24
N PRO A 115 12.53 18.50 -8.74
CA PRO A 115 13.69 18.27 -7.86
C PRO A 115 13.99 19.44 -6.92
N ARG A 116 13.46 20.62 -7.22
CA ARG A 116 13.65 21.81 -6.38
C ARG A 116 12.75 21.82 -5.14
N SER A 117 11.83 20.86 -5.06
CA SER A 117 10.88 20.78 -3.95
C SER A 117 11.59 20.56 -2.60
N SER A 118 11.02 21.12 -1.54
CA SER A 118 11.58 20.92 -0.20
C SER A 118 11.20 19.55 0.38
N PHE A 119 10.37 18.81 -0.34
CA PHE A 119 9.91 17.50 0.12
C PHE A 119 10.64 16.32 -0.53
N THR A 120 11.80 16.59 -1.12
CA THR A 120 12.63 15.53 -1.69
C THR A 120 13.38 14.77 -0.60
N PHE A 121 13.72 13.52 -0.88
CA PHE A 121 14.48 12.68 0.05
C PHE A 121 15.85 13.29 0.35
N LEU A 122 16.47 13.88 -0.66
CA LEU A 122 17.76 14.52 -0.50
C LEU A 122 17.69 15.77 0.38
N ASN A 123 16.60 16.52 0.25
CA ASN A 123 16.39 17.67 1.12
C ASN A 123 16.10 17.26 2.56
N TYR A 124 15.37 16.15 2.71
CA TYR A 124 15.12 15.53 4.00
C TYR A 124 16.44 15.20 4.72
N LEU A 125 17.36 14.54 4.01
CA LEU A 125 18.67 14.20 4.55
C LEU A 125 19.49 15.44 4.93
N HIS A 126 19.38 16.49 4.11
CA HIS A 126 20.04 17.76 4.39
C HIS A 126 19.52 18.41 5.65
N GLN A 127 18.19 18.36 5.83
CA GLN A 127 17.55 18.88 7.04
C GLN A 127 17.91 18.06 8.28
N LYS A 128 18.28 16.80 8.08
CA LYS A 128 18.62 15.91 9.18
C LYS A 128 20.12 15.86 9.47
N GLY A 129 20.91 16.50 8.60
CA GLY A 129 22.37 16.53 8.74
C GLY A 129 23.01 15.23 8.31
N ARG A 130 22.38 14.54 7.36
CA ARG A 130 22.75 13.17 7.03
C ARG A 130 23.13 12.96 5.55
N LEU A 131 23.02 14.02 4.74
CA LEU A 131 23.21 13.90 3.30
C LEU A 131 24.60 13.41 2.87
N ILE A 132 25.66 13.93 3.49
CA ILE A 132 27.01 13.49 3.17
C ILE A 132 27.22 12.03 3.57
N HIS A 133 26.61 11.63 4.68
CA HIS A 133 26.70 10.26 5.17
C HIS A 133 25.93 9.28 4.32
N PHE A 134 24.78 9.71 3.79
CA PHE A 134 24.02 8.86 2.88
C PHE A 134 24.77 8.64 1.57
N THR A 135 25.37 9.72 1.05
CA THR A 135 26.14 9.68 -0.20
C THR A 135 27.22 8.59 -0.18
N ASN A 136 27.93 8.48 0.95
CA ASN A 136 29.02 7.51 1.11
C ASN A 136 28.58 6.03 1.12
N LEU A 137 27.28 5.78 1.27
CA LEU A 137 26.74 4.43 1.22
C LEU A 137 26.70 3.90 -0.22
N SER A 138 26.73 4.81 -1.19
CA SER A 138 26.63 4.47 -2.62
C SER A 138 25.48 3.51 -2.90
N THR A 139 24.28 3.90 -2.47
CA THR A 139 23.08 3.09 -2.68
C THR A 139 21.88 3.94 -3.08
N PHE A 140 21.04 3.42 -3.97
CA PHE A 140 19.78 4.07 -4.31
C PHE A 140 18.64 3.55 -3.44
N LEU A 141 18.94 2.56 -2.60
CA LEU A 141 17.92 1.84 -1.86
C LEU A 141 18.10 2.01 -0.35
N PRO A 142 17.39 3.00 0.23
CA PRO A 142 17.43 3.21 1.67
C PRO A 142 16.72 2.08 2.40
N ALA A 143 17.03 1.92 3.68
CA ALA A 143 16.29 1.01 4.54
C ALA A 143 14.84 1.49 4.61
N ARG A 144 13.90 0.55 4.72
CA ARG A 144 12.48 0.90 4.83
C ARG A 144 12.22 1.79 6.04
N LEU A 145 12.97 1.56 7.12
CA LEU A 145 12.92 2.38 8.32
C LEU A 145 13.26 3.84 8.01
N GLU A 146 14.34 4.06 7.26
CA GLU A 146 14.77 5.40 6.87
C GLU A 146 13.75 6.10 5.96
N PHE A 147 13.24 5.38 4.97
CA PHE A 147 12.27 5.95 4.04
C PHE A 147 10.95 6.28 4.73
N GLU A 148 10.57 5.47 5.72
CA GLU A 148 9.39 5.74 6.52
C GLU A 148 9.54 7.04 7.32
N ASP A 149 10.73 7.26 7.87
CA ASP A 149 10.99 8.49 8.61
C ASP A 149 10.96 9.72 7.69
N TYR A 150 11.49 9.56 6.47
CA TYR A 150 11.38 10.58 5.44
C TYR A 150 9.93 10.99 5.22
N MET A 151 9.06 9.99 5.04
CA MET A 151 7.65 10.24 4.80
C MET A 151 6.96 10.79 6.04
N ARG A 152 7.42 10.36 7.22
CA ARG A 152 6.93 10.89 8.49
C ARG A 152 7.28 12.37 8.61
N TRP A 153 8.53 12.70 8.32
CA TRP A 153 9.02 14.09 8.28
C TRP A 153 8.22 14.94 7.32
N CYS A 154 7.83 14.35 6.19
CA CYS A 154 6.93 14.99 5.24
C CYS A 154 5.54 15.22 5.84
N ALA A 155 4.95 14.15 6.34
CA ALA A 155 3.57 14.16 6.86
C ALA A 155 3.33 15.14 8.00
N GLN A 156 4.32 15.25 8.89
CA GLN A 156 4.23 16.12 10.08
C GLN A 156 4.01 17.59 9.75
N GLN A 157 4.45 18.00 8.55
CA GLN A 157 4.27 19.37 8.09
C GLN A 157 2.85 19.64 7.59
N PHE A 158 2.01 18.61 7.60
CA PHE A 158 0.60 18.73 7.22
C PHE A 158 -0.35 18.40 8.38
N SER A 159 0.17 18.42 9.60
CA SER A 159 -0.59 18.00 10.79
C SER A 159 -1.87 18.81 11.03
N ASP A 160 -1.85 20.08 10.63
CA ASP A 160 -3.00 20.96 10.80
C ASP A 160 -4.20 20.61 9.90
N VAL A 161 -3.94 19.90 8.81
CA VAL A 161 -5.01 19.48 7.89
C VAL A 161 -5.26 17.97 7.86
N VAL A 162 -4.69 17.25 8.82
CA VAL A 162 -4.89 15.80 8.90
C VAL A 162 -5.54 15.43 10.23
N ALA A 163 -6.68 14.74 10.14
CA ALA A 163 -7.36 14.22 11.33
C ALA A 163 -7.04 12.74 11.52
N TYR A 164 -6.16 12.46 12.47
CA TYR A 164 -5.78 11.08 12.80
C TYR A 164 -6.80 10.43 13.73
N GLY A 165 -6.78 9.11 13.78
CA GLY A 165 -7.72 8.34 14.58
C GLY A 165 -9.15 8.39 14.05
N GLU A 166 -9.28 8.62 12.75
CA GLU A 166 -10.59 8.72 12.11
C GLU A 166 -10.74 7.73 10.97
N GLU A 167 -11.61 6.74 11.16
CA GLU A 167 -11.88 5.72 10.15
C GLU A 167 -13.16 6.05 9.40
N VAL A 168 -13.03 6.27 8.10
CA VAL A 168 -14.17 6.57 7.25
C VAL A 168 -15.02 5.31 7.06
N VAL A 169 -16.32 5.42 7.37
CA VAL A 169 -17.24 4.28 7.28
C VAL A 169 -18.17 4.35 6.06
N GLU A 170 -18.47 5.57 5.61
CA GLU A 170 -19.26 5.76 4.38
C GLU A 170 -19.16 7.16 3.77
N VAL A 171 -19.38 7.21 2.45
CA VAL A 171 -19.49 8.46 1.71
C VAL A 171 -20.91 8.56 1.16
N ILE A 172 -21.58 9.66 1.48
CA ILE A 172 -23.00 9.86 1.15
C ILE A 172 -23.16 11.07 0.22
N PRO A 173 -24.01 10.95 -0.83
CA PRO A 173 -24.23 12.11 -1.68
C PRO A 173 -25.12 13.16 -1.03
N GLY A 174 -24.89 14.43 -1.38
CA GLY A 174 -25.68 15.54 -0.86
C GLY A 174 -26.17 16.47 -1.94
N LYS A 175 -27.25 17.19 -1.65
CA LYS A 175 -27.84 18.15 -2.58
C LYS A 175 -28.04 19.47 -1.86
N SER A 176 -27.33 20.52 -2.30
CA SER A 176 -27.48 21.85 -1.72
C SER A 176 -28.91 22.36 -1.88
N ASP A 177 -29.56 21.93 -2.96
CA ASP A 177 -31.00 22.07 -3.14
C ASP A 177 -31.63 20.68 -3.06
N PRO A 178 -32.21 20.32 -1.90
CA PRO A 178 -32.77 18.99 -1.64
C PRO A 178 -33.92 18.61 -2.56
N SER A 179 -34.68 19.60 -3.04
CA SER A 179 -35.81 19.35 -3.93
C SER A 179 -35.38 19.10 -5.38
N SER A 180 -34.13 19.43 -5.71
CA SER A 180 -33.59 19.15 -7.04
C SER A 180 -33.15 17.70 -7.16
N SER A 181 -32.79 17.29 -8.37
CA SER A 181 -32.30 15.94 -8.64
C SER A 181 -30.82 15.94 -8.99
N VAL A 182 -30.09 16.94 -8.46
CA VAL A 182 -28.67 17.13 -8.76
C VAL A 182 -27.82 17.07 -7.48
N VAL A 183 -26.85 16.16 -7.46
CA VAL A 183 -25.88 16.05 -6.38
C VAL A 183 -24.72 17.02 -6.65
N ASP A 184 -24.44 17.89 -5.68
CA ASP A 184 -23.33 18.84 -5.79
C ASP A 184 -22.33 18.84 -4.62
N PHE A 185 -22.56 17.95 -3.65
CA PHE A 185 -21.59 17.71 -2.57
C PHE A 185 -21.66 16.28 -2.01
N PHE A 186 -20.70 15.95 -1.17
CA PHE A 186 -20.62 14.65 -0.50
C PHE A 186 -20.39 14.79 1.00
N THR A 187 -21.13 14.02 1.78
CA THR A 187 -20.92 13.92 3.22
C THR A 187 -20.04 12.70 3.49
N VAL A 188 -18.94 12.91 4.19
CA VAL A 188 -18.04 11.83 4.57
C VAL A 188 -18.12 11.62 6.08
N ARG A 189 -18.53 10.43 6.47
CA ARG A 189 -18.70 10.10 7.88
C ARG A 189 -17.58 9.19 8.35
N SER A 190 -16.95 9.57 9.47
CA SER A 190 -15.84 8.82 10.03
C SER A 190 -16.04 8.50 11.51
N ARG A 191 -15.59 7.32 11.91
CA ARG A 191 -15.68 6.86 13.30
C ARG A 191 -14.34 7.07 14.01
N ASN A 192 -14.38 7.71 15.17
CA ASN A 192 -13.20 7.88 16.01
C ASN A 192 -12.80 6.54 16.62
N VAL A 193 -11.56 6.13 16.41
CA VAL A 193 -11.10 4.80 16.83
C VAL A 193 -10.99 4.65 18.35
N GLU A 194 -10.62 5.73 19.03
CA GLU A 194 -10.47 5.71 20.49
C GLU A 194 -11.81 5.81 21.22
N THR A 195 -12.70 6.64 20.70
CA THR A 195 -13.93 7.00 21.41
C THR A 195 -15.21 6.42 20.78
N GLY A 196 -15.20 6.23 19.47
CA GLY A 196 -16.27 5.48 18.80
C GLY A 196 -17.40 6.26 18.14
N GLU A 197 -17.43 7.58 18.33
CA GLU A 197 -18.51 8.39 17.79
C GLU A 197 -18.27 8.84 16.34
N ILE A 198 -19.38 9.01 15.61
CA ILE A 198 -19.36 9.36 14.20
C ILE A 198 -19.30 10.87 14.01
N SER A 199 -18.41 11.30 13.11
CA SER A 199 -18.28 12.71 12.73
C SER A 199 -18.55 12.85 11.24
N ALA A 200 -19.18 13.96 10.85
CA ALA A 200 -19.50 14.20 9.45
C ALA A 200 -18.84 15.47 8.91
N ARG A 201 -18.19 15.32 7.76
CA ARG A 201 -17.57 16.44 7.04
CA ARG A 201 -17.58 16.45 7.04
C ARG A 201 -18.09 16.49 5.60
N ARG A 202 -18.48 17.68 5.15
CA ARG A 202 -19.01 17.86 3.81
C ARG A 202 -17.97 18.47 2.86
N THR A 203 -17.96 17.97 1.63
CA THR A 203 -17.00 18.38 0.62
C THR A 203 -17.55 18.28 -0.80
N ARG A 204 -17.04 19.12 -1.69
CA ARG A 204 -17.39 19.05 -3.11
C ARG A 204 -16.72 17.85 -3.78
N LYS A 205 -15.48 17.55 -3.38
CA LYS A 205 -14.70 16.48 -3.99
C LYS A 205 -14.09 15.52 -2.97
N VAL A 206 -14.06 14.23 -3.31
CA VAL A 206 -13.51 13.19 -2.43
C VAL A 206 -12.42 12.39 -3.13
N VAL A 207 -11.30 12.17 -2.43
CA VAL A 207 -10.27 11.23 -2.87
C VAL A 207 -10.27 10.03 -1.92
N ILE A 208 -10.24 8.83 -2.49
CA ILE A 208 -10.11 7.61 -1.69
C ILE A 208 -8.75 6.97 -1.96
N ALA A 209 -7.86 7.06 -0.97
CA ALA A 209 -6.53 6.47 -1.09
C ALA A 209 -6.25 5.64 0.15
N ILE A 210 -6.93 4.50 0.25
CA ILE A 210 -6.94 3.68 1.45
C ILE A 210 -6.11 2.40 1.34
N GLY A 211 -5.36 2.28 0.25
CA GLY A 211 -4.51 1.12 0.02
C GLY A 211 -5.31 -0.16 -0.16
N GLY A 212 -4.83 -1.23 0.47
CA GLY A 212 -5.46 -2.54 0.34
C GLY A 212 -5.73 -3.25 1.66
N THR A 213 -6.64 -4.22 1.62
CA THR A 213 -6.92 -5.06 2.78
C THR A 213 -6.20 -6.39 2.63
N ALA A 214 -5.87 -7.02 3.76
CA ALA A 214 -5.17 -8.31 3.78
C ALA A 214 -5.95 -9.39 3.02
N LYS A 215 -5.27 -10.01 2.06
CA LYS A 215 -5.85 -11.09 1.27
C LYS A 215 -5.49 -12.43 1.90
N MET A 216 -6.52 -13.17 2.31
CA MET A 216 -6.33 -14.48 2.94
C MET A 216 -6.94 -15.58 2.07
N PRO A 217 -6.26 -16.74 1.97
CA PRO A 217 -6.81 -17.90 1.26
C PRO A 217 -8.12 -18.37 1.89
N SER A 218 -9.06 -18.77 1.06
CA SER A 218 -10.40 -19.16 1.51
C SER A 218 -10.42 -20.49 2.26
N GLY A 219 -9.42 -21.33 2.00
CA GLY A 219 -9.34 -22.66 2.62
C GLY A 219 -8.87 -22.64 4.07
N LEU A 220 -8.15 -21.60 4.45
CA LEU A 220 -7.62 -21.47 5.81
C LEU A 220 -8.68 -20.99 6.80
N PRO A 221 -8.75 -21.63 7.98
CA PRO A 221 -9.69 -21.23 9.01
C PRO A 221 -9.16 -20.06 9.85
N GLN A 222 -10.06 -19.39 10.58
CA GLN A 222 -9.66 -18.29 11.46
C GLN A 222 -9.05 -18.79 12.76
N ASP A 223 -7.86 -18.28 13.07
CA ASP A 223 -7.11 -18.69 14.26
C ASP A 223 -6.09 -17.61 14.60
N PRO A 224 -5.94 -17.28 15.91
CA PRO A 224 -4.95 -16.29 16.35
C PRO A 224 -3.50 -16.68 16.05
N ARG A 225 -3.28 -17.95 15.75
CA ARG A 225 -1.95 -18.45 15.36
C ARG A 225 -1.70 -18.35 13.86
N ILE A 226 -2.75 -17.98 13.11
CA ILE A 226 -2.65 -17.75 11.68
C ILE A 226 -2.72 -16.24 11.42
N ILE A 227 -1.57 -15.65 11.07
CA ILE A 227 -1.44 -14.20 10.96
C ILE A 227 -0.98 -13.77 9.56
N HIS A 228 -1.62 -12.75 9.02
CA HIS A 228 -1.23 -12.17 7.73
C HIS A 228 0.05 -11.39 7.86
N SER A 229 0.83 -11.35 6.77
CA SER A 229 2.11 -10.65 6.71
C SER A 229 2.06 -9.20 7.23
N SER A 230 0.94 -8.52 6.98
CA SER A 230 0.74 -7.12 7.37
C SER A 230 0.76 -6.89 8.89
N LYS A 231 0.64 -7.96 9.66
CA LYS A 231 0.67 -7.88 11.13
C LYS A 231 1.82 -8.68 11.74
N TYR A 232 2.88 -8.89 10.97
CA TYR A 232 4.05 -9.67 11.42
C TYR A 232 4.81 -9.02 12.58
N CYS A 233 5.14 -7.74 12.46
CA CYS A 233 5.94 -7.05 13.47
C CYS A 233 5.11 -6.62 14.68
N THR A 234 3.78 -6.64 14.53
CA THR A 234 2.89 -6.10 15.55
C THR A 234 2.18 -7.17 16.40
N THR A 235 1.73 -8.26 15.78
CA THR A 235 0.94 -9.27 16.49
C THR A 235 1.67 -10.58 16.83
N LEU A 236 2.64 -10.96 16.00
CA LEU A 236 3.40 -12.20 16.23
C LEU A 236 4.23 -12.22 17.53
N PRO A 237 4.94 -11.11 17.87
CA PRO A 237 5.70 -11.11 19.13
C PRO A 237 4.82 -11.27 20.38
N ALA A 238 3.56 -10.84 20.28
CA ALA A 238 2.59 -11.00 21.36
C ALA A 238 2.16 -12.46 21.54
N LEU A 239 2.05 -13.18 20.43
CA LEU A 239 1.67 -14.59 20.44
C LEU A 239 2.83 -15.47 20.91
N LEU A 240 4.02 -15.20 20.39
CA LEU A 240 5.22 -15.94 20.76
C LEU A 240 6.13 -15.02 21.60
N LYS A 241 5.86 -15.01 22.90
CA LYS A 241 6.52 -14.08 23.83
C LYS A 241 8.00 -14.38 24.08
N ASP A 242 8.35 -15.65 24.15
CA ASP A 242 9.72 -16.07 24.45
C ASP A 242 10.53 -16.23 23.16
N LYS A 243 11.56 -15.39 23.01
CA LYS A 243 12.36 -15.35 21.77
C LYS A 243 13.45 -16.42 21.70
N SER A 244 13.63 -17.16 22.80
CA SER A 244 14.64 -18.23 22.85
C SER A 244 14.02 -19.63 22.75
N LYS A 245 12.69 -19.70 22.78
CA LYS A 245 11.95 -20.96 22.76
C LYS A 245 11.97 -21.60 21.36
N PRO A 246 12.18 -22.93 21.29
CA PRO A 246 12.18 -23.64 20.01
C PRO A 246 10.78 -23.82 19.42
N TYR A 247 10.28 -22.79 18.73
CA TYR A 247 8.98 -22.84 18.08
C TYR A 247 9.09 -23.45 16.69
N ASN A 248 7.97 -23.98 16.20
CA ASN A 248 7.83 -24.30 14.79
C ASN A 248 6.98 -23.22 14.15
N ILE A 249 7.54 -22.52 13.17
CA ILE A 249 6.84 -21.42 12.50
C ILE A 249 6.82 -21.63 11.00
N ALA A 250 5.63 -21.57 10.41
CA ALA A 250 5.46 -21.78 8.98
C ALA A 250 5.15 -20.47 8.27
N VAL A 251 5.63 -20.34 7.04
CA VAL A 251 5.37 -19.18 6.19
C VAL A 251 4.77 -19.65 4.87
N LEU A 252 3.60 -19.11 4.53
CA LEU A 252 2.92 -19.44 3.29
C LEU A 252 3.09 -18.29 2.29
N GLY A 253 3.66 -18.61 1.12
CA GLY A 253 3.88 -17.62 0.07
C GLY A 253 5.25 -17.72 -0.56
N SER A 254 5.43 -17.02 -1.68
CA SER A 254 6.67 -17.07 -2.44
C SER A 254 7.13 -15.68 -2.88
N GLY A 255 6.49 -14.64 -2.37
CA GLY A 255 6.83 -13.26 -2.73
C GLY A 255 7.82 -12.60 -1.79
N GLN A 256 8.02 -11.30 -1.98
CA GLN A 256 8.96 -10.52 -1.19
C GLN A 256 8.68 -10.58 0.32
N SER A 257 7.41 -10.49 0.70
CA SER A 257 7.01 -10.51 2.10
C SER A 257 7.27 -11.86 2.76
N ALA A 258 7.00 -12.95 2.03
CA ALA A 258 7.24 -14.30 2.54
C ALA A 258 8.73 -14.56 2.75
N ALA A 259 9.54 -14.11 1.79
CA ALA A 259 10.98 -14.26 1.87
C ALA A 259 11.55 -13.43 3.02
N GLU A 260 11.07 -12.19 3.15
CA GLU A 260 11.51 -11.29 4.23
C GLU A 260 11.17 -11.85 5.62
N ILE A 261 9.94 -12.34 5.79
CA ILE A 261 9.50 -12.94 7.05
C ILE A 261 10.31 -14.20 7.37
N PHE A 262 10.44 -15.07 6.38
CA PHE A 262 11.17 -16.33 6.51
C PHE A 262 12.63 -16.11 6.94
N HIS A 263 13.29 -15.16 6.29
CA HIS A 263 14.68 -14.82 6.59
C HIS A 263 14.82 -14.16 7.94
N ASP A 264 13.86 -13.31 8.29
CA ASP A 264 13.87 -12.60 9.57
C ASP A 264 13.66 -13.51 10.78
N LEU A 265 12.75 -14.47 10.65
CA LEU A 265 12.44 -15.41 11.73
C LEU A 265 13.68 -16.14 12.26
N GLN A 266 14.60 -16.43 11.36
CA GLN A 266 15.85 -17.13 11.70
C GLN A 266 16.76 -16.28 12.59
N LYS A 267 16.60 -14.95 12.52
CA LYS A 267 17.33 -14.02 13.38
C LYS A 267 16.54 -13.72 14.65
N ARG A 268 15.24 -13.47 14.48
CA ARG A 268 14.36 -13.09 15.59
C ARG A 268 14.10 -14.26 16.57
N TYR A 269 14.03 -15.47 16.03
CA TYR A 269 13.87 -16.67 16.85
C TYR A 269 14.97 -17.70 16.53
N PRO A 270 16.18 -17.50 17.10
CA PRO A 270 17.40 -18.26 16.76
C PRO A 270 17.29 -19.78 16.94
N ASN A 271 16.40 -20.23 17.80
CA ASN A 271 16.24 -21.66 18.09
C ASN A 271 14.99 -22.30 17.47
N SER A 272 14.32 -21.56 16.60
CA SER A 272 13.07 -22.02 16.01
C SER A 272 13.26 -22.80 14.71
N ARG A 273 12.37 -23.75 14.47
CA ARG A 273 12.32 -24.47 13.20
C ARG A 273 11.33 -23.80 12.25
N THR A 274 11.84 -23.22 11.17
CA THR A 274 10.99 -22.51 10.22
C THR A 274 10.74 -23.33 8.95
N THR A 275 9.60 -23.06 8.30
CA THR A 275 9.24 -23.73 7.07
C THR A 275 8.58 -22.73 6.12
N LEU A 276 9.10 -22.66 4.89
CA LEU A 276 8.47 -21.86 3.85
C LEU A 276 7.66 -22.77 2.94
N ILE A 277 6.38 -22.44 2.77
CA ILE A 277 5.47 -23.23 1.93
C ILE A 277 5.04 -22.39 0.73
N MET A 278 5.27 -22.92 -0.47
CA MET A 278 4.92 -22.23 -1.72
C MET A 278 4.30 -23.17 -2.75
N ARG A 279 3.37 -22.65 -3.54
CA ARG A 279 2.77 -23.38 -4.65
C ARG A 279 3.75 -23.53 -5.81
N ASP A 280 4.53 -22.49 -6.07
CA ASP A 280 5.52 -22.47 -7.15
C ASP A 280 6.72 -23.36 -6.81
N SER A 281 7.47 -23.75 -7.85
CA SER A 281 8.65 -24.60 -7.69
C SER A 281 9.85 -23.88 -7.05
N ALA A 282 9.87 -22.55 -7.13
CA ALA A 282 11.01 -21.76 -6.64
C ALA A 282 10.66 -20.29 -6.40
N MET A 283 11.43 -19.65 -5.53
CA MET A 283 11.45 -18.18 -5.43
C MET A 283 11.99 -17.61 -6.73
N ARG A 284 11.21 -16.72 -7.36
CA ARG A 284 11.60 -16.11 -8.62
C ARG A 284 11.93 -14.63 -8.45
N PRO A 285 12.99 -14.14 -9.11
CA PRO A 285 13.47 -12.78 -8.90
C PRO A 285 12.61 -11.70 -9.52
N SER A 286 12.55 -10.55 -8.85
CA SER A 286 11.88 -9.36 -9.38
CA SER A 286 11.88 -9.37 -9.40
C SER A 286 12.68 -8.84 -10.57
N ASP A 287 11.98 -8.36 -11.59
CA ASP A 287 12.62 -7.86 -12.81
C ASP A 287 12.75 -6.34 -12.76
N ASP A 288 13.97 -5.87 -12.50
CA ASP A 288 14.26 -4.44 -12.48
C ASP A 288 15.21 -4.02 -13.61
N SER A 289 15.28 -4.85 -14.66
CA SER A 289 16.07 -4.55 -15.85
C SER A 289 15.55 -3.29 -16.54
N PRO A 290 16.45 -2.42 -17.00
CA PRO A 290 16.15 -1.06 -17.49
C PRO A 290 15.04 -0.91 -18.54
N PHE A 291 15.02 -1.76 -19.57
CA PHE A 291 13.99 -1.68 -20.62
C PHE A 291 12.60 -2.08 -20.11
N VAL A 292 12.53 -3.19 -19.37
CA VAL A 292 11.29 -3.64 -18.77
C VAL A 292 10.83 -2.64 -17.70
N ASN A 293 11.77 -2.06 -16.96
CA ASN A 293 11.45 -1.12 -15.89
C ASN A 293 10.80 0.18 -16.34
N GLU A 294 10.86 0.45 -17.65
CA GLU A 294 10.28 1.66 -18.23
C GLU A 294 8.74 1.72 -18.20
N ILE A 295 8.10 0.60 -17.89
CA ILE A 295 6.64 0.56 -17.71
C ILE A 295 6.22 1.35 -16.48
N PHE A 296 7.17 1.58 -15.57
CA PHE A 296 6.94 2.34 -14.35
C PHE A 296 7.15 3.84 -14.51
N ASN A 297 7.56 4.25 -15.71
CA ASN A 297 7.71 5.67 -16.05
C ASN A 297 6.37 6.40 -15.94
N PRO A 298 6.37 7.63 -15.36
CA PRO A 298 5.15 8.44 -15.21
C PRO A 298 4.43 8.72 -16.52
N GLU A 299 5.20 8.88 -17.60
CA GLU A 299 4.63 9.18 -18.92
C GLU A 299 4.00 7.97 -19.59
N ARG A 300 4.39 6.78 -19.15
CA ARG A 300 3.86 5.53 -19.73
C ARG A 300 2.45 5.20 -19.25
N VAL A 301 1.97 5.93 -18.23
CA VAL A 301 0.59 5.81 -17.74
C VAL A 301 -0.41 6.20 -18.84
N ASP A 302 -0.08 7.24 -19.59
CA ASP A 302 -0.87 7.68 -20.74
C ASP A 302 -1.01 6.57 -21.79
N LYS A 303 0.13 5.96 -22.13
CA LYS A 303 0.19 4.90 -23.13
C LYS A 303 -0.55 3.64 -22.68
N PHE A 304 -0.39 3.31 -21.40
CA PHE A 304 -1.09 2.15 -20.82
C PHE A 304 -2.60 2.39 -20.76
N TYR A 305 -3.01 3.56 -20.28
CA TYR A 305 -4.44 3.88 -20.15
C TYR A 305 -5.16 3.88 -21.50
N SER A 306 -4.48 4.36 -22.55
CA SER A 306 -5.06 4.45 -23.89
C SER A 306 -5.31 3.08 -24.53
N GLN A 307 -4.55 2.08 -24.10
CA GLN A 307 -4.73 0.70 -24.58
C GLN A 307 -6.10 0.13 -24.20
N SER A 308 -6.60 -0.78 -25.04
CA SER A 308 -7.87 -1.46 -24.80
C SER A 308 -7.77 -2.42 -23.62
N ALA A 309 -8.94 -2.91 -23.16
CA ALA A 309 -9.01 -3.84 -22.03
C ALA A 309 -8.19 -5.11 -22.23
N ALA A 310 -8.25 -5.65 -23.45
CA ALA A 310 -7.49 -6.85 -23.81
C ALA A 310 -5.99 -6.59 -23.82
N GLU A 311 -5.59 -5.44 -24.36
CA GLU A 311 -4.18 -5.04 -24.42
C GLU A 311 -3.62 -4.72 -23.03
N ARG A 312 -4.48 -4.19 -22.16
CA ARG A 312 -4.10 -3.90 -20.78
C ARG A 312 -3.98 -5.17 -19.94
N GLN A 313 -4.90 -6.11 -20.16
CA GLN A 313 -4.88 -7.41 -19.48
C GLN A 313 -3.65 -8.24 -19.87
N ARG A 314 -3.31 -8.20 -21.16
CA ARG A 314 -2.16 -8.93 -21.69
C ARG A 314 -0.82 -8.32 -21.25
N SER A 315 -0.80 -6.99 -21.09
CA SER A 315 0.40 -6.27 -20.69
C SER A 315 0.78 -6.52 -19.23
N LEU A 316 -0.22 -6.51 -18.34
CA LEU A 316 -0.02 -6.76 -16.92
C LEU A 316 0.52 -8.17 -16.66
N LEU A 317 0.04 -9.14 -17.44
CA LEU A 317 0.45 -10.53 -17.31
C LEU A 317 1.88 -10.76 -17.81
N ALA A 318 2.25 -10.05 -18.88
CA ALA A 318 3.59 -10.15 -19.47
C ALA A 318 4.67 -9.50 -18.60
N ASP A 319 4.26 -8.57 -17.73
CA ASP A 319 5.18 -7.88 -16.84
C ASP A 319 4.92 -8.22 -15.37
N LYS A 320 4.34 -9.40 -15.12
CA LYS A 320 3.99 -9.86 -13.78
C LYS A 320 5.21 -10.07 -12.88
N ALA A 321 6.34 -10.40 -13.50
CA ALA A 321 7.58 -10.66 -12.77
C ALA A 321 8.27 -9.39 -12.24
N THR A 322 7.63 -8.24 -12.42
CA THR A 322 8.17 -6.97 -11.96
C THR A 322 7.65 -6.57 -10.57
N ASN A 323 6.54 -7.18 -10.16
CA ASN A 323 5.89 -6.81 -8.90
C ASN A 323 5.28 -7.98 -8.12
N TYR A 324 4.70 -8.94 -8.83
CA TYR A 324 3.90 -9.99 -8.19
C TYR A 324 4.59 -11.34 -8.03
N SER A 325 4.46 -11.91 -6.83
CA SER A 325 5.08 -13.18 -6.44
C SER A 325 6.57 -13.26 -6.78
N VAL A 326 7.28 -12.16 -6.55
CA VAL A 326 8.70 -12.07 -6.87
C VAL A 326 9.51 -11.48 -5.72
N VAL A 327 10.79 -11.84 -5.66
CA VAL A 327 11.68 -11.44 -4.58
C VAL A 327 12.93 -10.76 -5.15
N ARG A 328 13.41 -9.72 -4.46
CA ARG A 328 14.67 -9.07 -4.81
C ARG A 328 15.79 -10.12 -4.85
N LEU A 329 16.52 -10.14 -5.96
CA LEU A 329 17.57 -11.14 -6.22
C LEU A 329 18.56 -11.32 -5.07
N GLU A 330 18.93 -10.20 -4.45
CA GLU A 330 19.90 -10.19 -3.36
C GLU A 330 19.38 -10.92 -2.12
N LEU A 331 18.07 -10.85 -1.89
CA LEU A 331 17.44 -11.60 -0.80
C LEU A 331 17.39 -13.10 -1.08
N ILE A 332 17.04 -13.46 -2.32
CA ILE A 332 17.03 -14.86 -2.77
C ILE A 332 18.41 -15.50 -2.58
N GLU A 333 19.44 -14.79 -3.03
CA GLU A 333 20.83 -15.26 -2.91
C GLU A 333 21.24 -15.43 -1.44
N GLU A 334 20.84 -14.49 -0.60
CA GLU A 334 21.13 -14.55 0.83
C GLU A 334 20.47 -15.79 1.46
N ILE A 335 19.20 -16.02 1.14
CA ILE A 335 18.46 -17.17 1.63
C ILE A 335 19.10 -18.48 1.14
N TYR A 336 19.41 -18.54 -0.15
CA TYR A 336 20.09 -19.70 -0.74
C TYR A 336 21.42 -20.00 -0.06
N ASN A 337 22.18 -18.95 0.27
CA ASN A 337 23.45 -19.11 0.99
C ASN A 337 23.27 -19.77 2.36
N ASP A 338 22.26 -19.30 3.11
CA ASP A 338 21.90 -19.91 4.39
C ASP A 338 21.51 -21.38 4.22
N MET A 339 20.76 -21.67 3.17
CA MET A 339 20.37 -23.04 2.84
C MET A 339 21.59 -23.91 2.51
N TYR A 340 22.58 -23.32 1.85
CA TYR A 340 23.81 -24.02 1.51
C TYR A 340 24.66 -24.32 2.75
N LEU A 341 24.74 -23.37 3.67
CA LEU A 341 25.49 -23.58 4.91
C LEU A 341 24.89 -24.69 5.77
N GLN A 342 23.56 -24.82 5.73
CA GLN A 342 22.88 -25.94 6.38
C GLN A 342 23.31 -27.26 5.76
N ARG A 343 23.49 -27.27 4.44
CA ARG A 343 23.96 -28.46 3.72
C ARG A 343 25.40 -28.84 4.09
N VAL A 344 26.24 -27.84 4.32
CA VAL A 344 27.62 -28.06 4.76
C VAL A 344 27.66 -28.78 6.11
N LYS A 345 26.82 -28.33 7.04
CA LYS A 345 26.74 -28.88 8.38
C LYS A 345 26.03 -30.23 8.44
N ASN A 346 25.04 -30.41 7.55
CA ASN A 346 24.25 -31.64 7.52
C ASN A 346 23.71 -31.91 6.11
N PRO A 347 24.17 -33.00 5.47
CA PRO A 347 23.72 -33.36 4.13
C PRO A 347 22.26 -33.81 4.09
N ASP A 348 21.71 -34.18 5.24
CA ASP A 348 20.34 -34.64 5.36
C ASP A 348 19.35 -33.47 5.46
N GLU A 349 18.64 -33.22 4.36
CA GLU A 349 17.70 -32.10 4.23
C GLU A 349 16.56 -32.12 5.25
N THR A 350 16.13 -33.32 5.64
CA THR A 350 15.03 -33.47 6.60
C THR A 350 15.42 -33.02 8.01
N GLN A 351 16.72 -32.96 8.29
CA GLN A 351 17.22 -32.56 9.61
C GLN A 351 17.43 -31.07 9.75
N TRP A 352 17.26 -30.32 8.67
CA TRP A 352 17.55 -28.89 8.66
C TRP A 352 16.62 -28.09 9.52
N GLN A 353 17.19 -27.09 10.18
CA GLN A 353 16.45 -26.20 11.06
C GLN A 353 15.45 -25.34 10.25
N HIS A 354 15.89 -24.89 9.08
CA HIS A 354 15.06 -24.06 8.22
C HIS A 354 14.92 -24.70 6.86
N ARG A 355 13.67 -24.96 6.46
CA ARG A 355 13.40 -25.70 5.22
C ARG A 355 12.43 -24.97 4.29
N ILE A 356 12.56 -25.25 3.00
CA ILE A 356 11.66 -24.72 1.97
C ILE A 356 10.95 -25.89 1.30
N LEU A 357 9.62 -25.85 1.31
CA LEU A 357 8.82 -26.92 0.70
C LEU A 357 8.09 -26.39 -0.54
N PRO A 358 8.69 -26.60 -1.73
CA PRO A 358 8.12 -26.10 -2.98
C PRO A 358 7.04 -27.00 -3.55
N GLU A 359 6.18 -26.42 -4.39
CA GLU A 359 5.07 -27.13 -5.04
C GLU A 359 4.17 -27.85 -4.04
N ARG A 360 3.80 -27.13 -2.98
CA ARG A 360 2.90 -27.64 -1.95
C ARG A 360 1.71 -26.71 -1.77
N LYS A 361 0.56 -27.29 -1.43
CA LYS A 361 -0.62 -26.53 -1.02
C LYS A 361 -1.19 -27.09 0.28
N ILE A 362 -1.84 -26.23 1.07
CA ILE A 362 -2.47 -26.66 2.30
C ILE A 362 -3.86 -27.22 2.02
N THR A 363 -4.07 -28.50 2.36
CA THR A 363 -5.36 -29.14 2.18
C THR A 363 -6.29 -28.89 3.38
N ARG A 364 -5.80 -29.16 4.58
CA ARG A 364 -6.55 -28.89 5.80
C ARG A 364 -5.65 -28.47 6.96
N VAL A 365 -6.22 -27.71 7.90
CA VAL A 365 -5.53 -27.27 9.11
C VAL A 365 -6.28 -27.76 10.34
N GLU A 366 -5.59 -28.51 11.20
CA GLU A 366 -6.15 -28.93 12.48
C GLU A 366 -5.72 -27.94 13.56
N HIS A 367 -6.69 -27.32 14.21
CA HIS A 367 -6.40 -26.27 15.20
C HIS A 367 -7.30 -26.34 16.41
N HIS A 368 -7.91 -27.51 16.62
CA HIS A 368 -8.78 -27.75 17.77
C HIS A 368 -8.18 -28.70 18.77
N GLY A 369 -6.97 -29.17 18.48
CA GLY A 369 -6.25 -30.11 19.34
C GLY A 369 -5.81 -29.49 20.66
N PRO A 370 -5.62 -30.33 21.69
CA PRO A 370 -5.25 -29.88 23.05
C PRO A 370 -3.83 -29.32 23.16
N GLN A 371 -3.03 -29.49 22.12
CA GLN A 371 -1.64 -29.04 22.12
C GLN A 371 -1.51 -27.57 21.69
N SER A 372 -0.31 -27.01 21.88
CA SER A 372 -0.01 -25.63 21.53
C SER A 372 0.08 -25.42 20.01
N ARG A 373 0.36 -26.50 19.30
CA ARG A 373 0.64 -26.44 17.86
C ARG A 373 -0.54 -26.86 16.98
N MET A 374 -0.62 -26.26 15.81
CA MET A 374 -1.58 -26.66 14.78
C MET A 374 -0.97 -27.74 13.90
N ARG A 375 -1.82 -28.55 13.29
CA ARG A 375 -1.37 -29.53 12.29
C ARG A 375 -1.74 -29.06 10.89
N ILE A 376 -0.72 -28.80 10.08
CA ILE A 376 -0.91 -28.41 8.69
C ILE A 376 -0.70 -29.62 7.78
N HIS A 377 -1.72 -29.96 7.01
CA HIS A 377 -1.64 -31.04 6.04
C HIS A 377 -1.31 -30.51 4.68
N LEU A 378 -0.36 -31.17 4.02
CA LEU A 378 0.14 -30.70 2.72
C LEU A 378 0.01 -31.76 1.63
N LYS A 379 -0.25 -31.29 0.41
CA LYS A 379 -0.23 -32.12 -0.79
C LYS A 379 0.51 -31.39 -1.91
N SER A 380 0.76 -32.09 -3.01
CA SER A 380 1.39 -31.51 -4.20
C SER A 380 0.49 -30.44 -4.83
N SER A 381 1.10 -29.41 -5.40
CA SER A 381 0.37 -28.35 -6.09
C SER A 381 0.19 -28.67 -7.58
N LYS A 382 0.69 -29.83 -8.00
CA LYS A 382 0.54 -30.32 -9.36
C LYS A 382 -0.84 -30.93 -9.56
N PRO A 383 -1.42 -30.78 -10.77
CA PRO A 383 -2.74 -31.35 -11.05
C PRO A 383 -2.67 -32.80 -11.55
N LYS A 393 1.22 -35.96 0.93
CA LYS A 393 2.56 -35.55 1.33
C LYS A 393 2.69 -35.43 2.86
N GLU A 394 3.61 -34.58 3.32
CA GLU A 394 3.95 -34.49 4.75
C GLU A 394 2.90 -33.81 5.64
N THR A 395 3.19 -33.76 6.93
CA THR A 395 2.40 -33.02 7.91
C THR A 395 3.33 -32.13 8.74
N LEU A 396 2.92 -30.88 8.96
CA LEU A 396 3.68 -29.96 9.79
C LEU A 396 2.94 -29.61 11.07
N GLU A 397 3.68 -29.57 12.17
CA GLU A 397 3.13 -29.14 13.46
C GLU A 397 3.79 -27.83 13.87
N VAL A 398 3.00 -26.76 13.89
CA VAL A 398 3.54 -25.40 14.08
C VAL A 398 2.82 -24.55 15.13
N ASP A 399 3.58 -23.68 15.79
CA ASP A 399 3.04 -22.75 16.78
C ASP A 399 2.42 -21.52 16.12
N ALA A 400 2.88 -21.19 14.93
CA ALA A 400 2.39 -20.03 14.18
C ALA A 400 2.51 -20.21 12.67
N LEU A 401 1.53 -19.65 11.95
CA LEU A 401 1.53 -19.68 10.49
C LEU A 401 1.43 -18.25 9.94
N MET A 402 2.51 -17.79 9.30
CA MET A 402 2.54 -16.48 8.67
C MET A 402 2.06 -16.58 7.21
N VAL A 403 1.05 -15.80 6.87
CA VAL A 403 0.45 -15.84 5.54
C VAL A 403 0.77 -14.58 4.75
N ALA A 404 1.63 -14.73 3.75
CA ALA A 404 2.06 -13.61 2.90
C ALA A 404 1.47 -13.72 1.50
N THR A 405 0.15 -13.53 1.40
CA THR A 405 -0.59 -13.74 0.16
C THR A 405 -1.14 -12.44 -0.45
N GLY A 406 -0.49 -11.33 -0.16
CA GLY A 406 -0.82 -10.04 -0.78
C GLY A 406 -2.07 -9.36 -0.27
N TYR A 407 -2.60 -8.43 -1.08
CA TYR A 407 -3.70 -7.57 -0.67
C TYR A 407 -4.80 -7.50 -1.73
N ASN A 408 -6.01 -7.18 -1.28
CA ASN A 408 -7.11 -6.83 -2.18
C ASN A 408 -7.29 -5.32 -2.23
N ARG A 409 -7.59 -4.81 -3.42
CA ARG A 409 -7.81 -3.37 -3.59
C ARG A 409 -9.27 -3.05 -3.91
N ASN A 410 -10.17 -3.53 -3.06
CA ASN A 410 -11.61 -3.38 -3.28
C ASN A 410 -12.36 -2.81 -2.08
N ALA A 411 -11.63 -2.25 -1.11
CA ALA A 411 -12.25 -1.73 0.12
C ALA A 411 -13.04 -0.44 -0.09
N HIS A 412 -12.79 0.23 -1.21
CA HIS A 412 -13.51 1.46 -1.58
C HIS A 412 -14.95 1.20 -1.92
N GLU A 413 -15.25 -0.02 -2.38
CA GLU A 413 -16.60 -0.44 -2.74
C GLU A 413 -17.58 -0.26 -1.59
N ARG A 414 -17.15 -0.65 -0.39
CA ARG A 414 -17.99 -0.59 0.82
C ARG A 414 -18.29 0.86 1.22
N LEU A 415 -17.35 1.76 0.95
CA LEU A 415 -17.51 3.17 1.28
C LEU A 415 -18.39 3.93 0.28
N LEU A 416 -18.55 3.35 -0.90
CA LEU A 416 -19.25 4.01 -2.00
C LEU A 416 -20.54 3.34 -2.44
N SER A 417 -21.10 2.49 -1.57
CA SER A 417 -22.33 1.78 -1.91
C SER A 417 -23.51 2.75 -2.09
N LYS A 418 -23.58 3.76 -1.23
CA LYS A 418 -24.65 4.76 -1.25
C LYS A 418 -24.54 5.76 -2.40
N VAL A 419 -23.42 5.74 -3.13
CA VAL A 419 -23.24 6.63 -4.28
C VAL A 419 -23.26 5.87 -5.61
N GLN A 420 -23.41 4.54 -5.54
CA GLN A 420 -23.45 3.67 -6.72
C GLN A 420 -24.52 4.07 -7.75
N HIS A 421 -25.64 4.61 -7.28
CA HIS A 421 -26.76 4.98 -8.14
C HIS A 421 -26.50 6.21 -8.97
N LEU A 422 -25.40 6.91 -8.67
CA LEU A 422 -24.98 8.08 -9.44
C LEU A 422 -24.12 7.73 -10.66
N ARG A 423 -23.65 6.49 -10.71
CA ARG A 423 -22.96 5.95 -11.89
C ARG A 423 -23.92 5.87 -13.08
N PRO A 424 -23.37 5.92 -14.31
CA PRO A 424 -24.19 5.67 -15.51
C PRO A 424 -24.96 4.35 -15.40
N THR A 425 -26.19 4.35 -15.92
CA THR A 425 -27.08 3.19 -15.87
C THR A 425 -26.37 1.91 -16.31
N GLY A 426 -26.53 0.85 -15.52
CA GLY A 426 -25.99 -0.47 -15.87
C GLY A 426 -24.58 -0.74 -15.38
N GLN A 427 -23.86 0.31 -14.98
CA GLN A 427 -22.50 0.17 -14.47
C GLN A 427 -22.49 -0.49 -13.09
N ASP A 428 -21.71 -1.55 -12.95
CA ASP A 428 -21.56 -2.25 -11.68
C ASP A 428 -20.14 -2.22 -11.14
N GLN A 429 -19.24 -1.62 -11.91
CA GLN A 429 -17.89 -1.31 -11.44
C GLN A 429 -17.60 0.17 -11.61
N TRP A 430 -16.80 0.74 -10.71
CA TRP A 430 -16.37 2.13 -10.81
C TRP A 430 -15.37 2.28 -11.92
N LYS A 431 -15.63 3.22 -12.82
CA LYS A 431 -14.80 3.42 -14.01
C LYS A 431 -13.99 4.71 -13.89
N PRO A 432 -12.70 4.60 -13.50
CA PRO A 432 -11.88 5.79 -13.33
C PRO A 432 -11.34 6.33 -14.67
N HIS A 433 -11.47 7.64 -14.86
CA HIS A 433 -10.89 8.32 -16.03
C HIS A 433 -9.39 8.37 -15.90
N ARG A 434 -8.72 8.89 -16.94
CA ARG A 434 -7.27 9.08 -16.91
C ARG A 434 -6.83 9.90 -15.70
N ASP A 435 -7.59 10.95 -15.39
CA ASP A 435 -7.30 11.80 -14.23
C ASP A 435 -7.84 11.23 -12.91
N TYR A 436 -8.24 9.95 -12.93
CA TYR A 436 -8.65 9.17 -11.73
C TYR A 436 -10.05 9.50 -11.18
N ARG A 437 -10.71 10.46 -11.82
CA ARG A 437 -12.08 10.84 -11.46
C ARG A 437 -13.05 9.77 -11.99
N VAL A 438 -13.82 9.17 -11.09
CA VAL A 438 -14.76 8.11 -11.49
C VAL A 438 -15.90 8.66 -12.34
N GLU A 439 -16.34 7.86 -13.30
CA GLU A 439 -17.42 8.25 -14.19
C GLU A 439 -18.75 8.27 -13.44
N MET A 440 -19.45 9.38 -13.53
CA MET A 440 -20.79 9.51 -12.98
C MET A 440 -21.72 10.14 -14.02
N ASP A 441 -23.02 9.92 -13.86
CA ASP A 441 -24.03 10.50 -14.73
C ASP A 441 -24.03 12.02 -14.59
N PRO A 442 -23.69 12.73 -15.69
CA PRO A 442 -23.63 14.20 -15.69
C PRO A 442 -24.98 14.89 -15.47
N SER A 443 -26.08 14.15 -15.61
CA SER A 443 -27.41 14.69 -15.36
C SER A 443 -27.85 14.46 -13.90
N LYS A 444 -27.02 13.75 -13.14
CA LYS A 444 -27.28 13.47 -11.73
C LYS A 444 -26.24 14.14 -10.82
N VAL A 445 -25.04 14.37 -11.35
CA VAL A 445 -23.94 14.95 -10.59
C VAL A 445 -23.41 16.22 -11.25
N SER A 446 -23.35 17.29 -10.47
CA SER A 446 -22.80 18.57 -10.90
C SER A 446 -21.32 18.47 -11.27
N SER A 447 -20.87 19.37 -12.14
CA SER A 447 -19.48 19.39 -12.60
C SER A 447 -18.48 19.73 -11.50
N GLU A 448 -18.94 20.46 -10.49
CA GLU A 448 -18.09 20.85 -9.36
C GLU A 448 -17.91 19.72 -8.34
N ALA A 449 -18.71 18.66 -8.49
CA ALA A 449 -18.66 17.51 -7.59
C ALA A 449 -18.08 16.27 -8.26
N GLY A 450 -17.24 15.54 -7.52
CA GLY A 450 -16.63 14.32 -8.03
C GLY A 450 -15.97 13.44 -6.98
N ILE A 451 -15.66 12.21 -7.38
CA ILE A 451 -14.96 11.26 -6.52
C ILE A 451 -13.75 10.67 -7.29
N TRP A 452 -12.58 10.75 -6.66
CA TRP A 452 -11.34 10.24 -7.23
C TRP A 452 -10.87 9.00 -6.52
N LEU A 453 -10.26 8.09 -7.26
CA LEU A 453 -9.68 6.87 -6.69
C LEU A 453 -8.16 6.83 -6.88
N GLN A 454 -7.46 6.30 -5.87
CA GLN A 454 -6.00 6.21 -5.89
C GLN A 454 -5.52 4.87 -5.34
N GLY A 455 -4.60 4.24 -6.05
CA GLY A 455 -3.93 3.02 -5.56
C GLY A 455 -4.63 1.71 -5.90
N CYS A 456 -5.86 1.80 -6.42
CA CYS A 456 -6.63 0.62 -6.79
C CYS A 456 -6.91 0.54 -8.29
N ASN A 457 -6.25 1.40 -9.06
CA ASN A 457 -6.52 1.56 -10.50
C ASN A 457 -5.53 0.83 -11.42
N GLU A 458 -5.01 -0.31 -10.96
CA GLU A 458 -4.00 -1.07 -11.69
C GLU A 458 -4.46 -1.47 -13.10
N ARG A 459 -5.69 -1.98 -13.20
CA ARG A 459 -6.25 -2.47 -14.47
C ARG A 459 -6.34 -1.39 -15.55
N THR A 460 -6.45 -0.14 -15.14
CA THR A 460 -6.58 0.99 -16.07
C THR A 460 -5.30 1.81 -16.20
N HIS A 461 -4.48 1.84 -15.17
CA HIS A 461 -3.32 2.74 -15.12
C HIS A 461 -1.97 2.06 -15.07
N GLY A 462 -1.95 0.77 -14.78
CA GLY A 462 -0.71 -0.02 -14.79
C GLY A 462 -0.25 -0.54 -13.45
N LEU A 463 0.84 -1.30 -13.46
CA LEU A 463 1.40 -1.91 -12.25
C LEU A 463 1.96 -0.91 -11.25
N SER A 464 2.33 0.28 -11.74
CA SER A 464 2.87 1.35 -10.90
C SER A 464 1.82 2.05 -10.05
N ASP A 465 0.55 1.75 -10.31
CA ASP A 465 -0.58 2.41 -9.64
C ASP A 465 -0.60 2.22 -8.12
N SER A 466 -0.27 1.00 -7.67
CA SER A 466 -0.26 0.66 -6.25
C SER A 466 1.08 0.96 -5.58
N LEU A 467 2.07 1.32 -6.39
CA LEU A 467 3.44 1.52 -5.90
C LEU A 467 3.76 2.99 -5.61
N LEU A 468 5.02 3.25 -5.25
CA LEU A 468 5.50 4.61 -5.01
C LEU A 468 6.05 5.24 -6.30
N SER A 469 6.13 4.44 -7.35
CA SER A 469 6.78 4.82 -8.62
C SER A 469 6.37 6.18 -9.20
N VAL A 470 5.06 6.40 -9.34
CA VAL A 470 4.55 7.60 -10.03
C VAL A 470 3.89 8.62 -9.12
N LEU A 471 3.98 8.42 -7.80
CA LEU A 471 3.27 9.26 -6.84
C LEU A 471 3.55 10.76 -6.92
N ALA A 472 4.81 11.13 -7.12
CA ALA A 472 5.21 12.53 -7.26
C ALA A 472 4.48 13.21 -8.42
N VAL A 473 4.47 12.53 -9.58
CA VAL A 473 3.83 13.06 -10.78
C VAL A 473 2.30 12.95 -10.67
N ARG A 474 1.82 11.83 -10.17
CA ARG A 474 0.39 11.60 -9.98
C ARG A 474 -0.22 12.62 -9.02
N GLY A 475 0.48 12.90 -7.93
CA GLY A 475 0.09 13.97 -7.00
C GLY A 475 -0.08 15.30 -7.71
N GLY A 476 0.89 15.64 -8.57
CA GLY A 476 0.84 16.84 -9.38
C GLY A 476 -0.35 16.87 -10.33
N GLU A 477 -0.59 15.74 -11.00
CA GLU A 477 -1.74 15.57 -11.88
C GLU A 477 -3.06 15.70 -11.10
N MET A 478 -3.09 15.11 -9.90
CA MET A 478 -4.28 15.13 -9.05
C MET A 478 -4.67 16.54 -8.61
N VAL A 479 -3.67 17.34 -8.23
CA VAL A 479 -3.88 18.74 -7.82
C VAL A 479 -4.49 19.54 -8.97
N GLN A 480 -3.98 19.30 -10.19
CA GLN A 480 -4.49 19.95 -11.38
C GLN A 480 -5.93 19.54 -11.71
N SER A 481 -6.22 18.24 -11.59
CA SER A 481 -7.55 17.71 -11.85
C SER A 481 -8.59 18.27 -10.87
N ILE A 482 -8.21 18.34 -9.59
CA ILE A 482 -9.10 18.76 -8.52
C ILE A 482 -9.19 20.28 -8.38
N PHE A 483 -8.03 20.94 -8.29
CA PHE A 483 -7.98 22.39 -8.04
C PHE A 483 -7.67 23.21 -9.31
N GLY A 484 -7.92 22.63 -10.48
CA GLY A 484 -7.58 23.25 -11.76
C GLY A 484 -8.21 24.61 -12.01
N GLU A 485 -9.54 24.64 -12.06
CA GLU A 485 -10.29 25.87 -12.30
C GLU A 485 -10.12 26.88 -11.15
N GLN A 486 -9.99 26.35 -9.94
CA GLN A 486 -9.83 27.17 -8.73
C GLN A 486 -8.51 27.92 -8.68
N LEU A 487 -7.47 27.32 -9.29
CA LEU A 487 -6.13 27.93 -9.30
C LEU A 487 -5.70 28.45 -10.67
N GLU A 488 -6.60 28.37 -11.66
CA GLU A 488 -6.31 28.88 -13.00
C GLU A 488 -6.30 30.40 -13.04
N ARG A 489 -7.16 31.02 -12.22
CA ARG A 489 -7.26 32.48 -12.13
C ARG A 489 -6.02 33.15 -11.51
N ALA A 490 -5.16 32.34 -10.91
CA ALA A 490 -3.90 32.82 -10.35
C ALA A 490 -2.75 32.64 -11.34
PA FAD B . -1.15 2.69 1.94
O1A FAD B . 0.34 2.93 2.10
O2A FAD B . -1.71 1.38 2.43
O5B FAD B . -1.94 3.90 2.66
C5B FAD B . -3.35 3.86 2.85
C4B FAD B . -3.74 4.59 4.13
O4B FAD B . -5.15 4.71 4.27
C3B FAD B . -3.25 3.85 5.37
O3B FAD B . -2.50 4.78 6.17
C2B FAD B . -4.50 3.41 6.09
O2B FAD B . -4.33 3.46 7.52
C1B FAD B . -5.55 4.40 5.61
N9A FAD B . -6.94 3.87 5.65
C8A FAD B . -7.35 2.66 5.24
N7A FAD B . -8.69 2.50 5.40
C5A FAD B . -9.16 3.64 5.92
C6A FAD B . -10.50 4.15 6.33
N6A FAD B . -11.60 3.39 6.22
N1A FAD B . -10.57 5.42 6.83
C2A FAD B . -9.47 6.19 6.96
N3A FAD B . -8.24 5.78 6.60
C4A FAD B . -8.02 4.55 6.08
N1 FAD B . 6.15 0.10 -3.31
C2 FAD B . 7.25 0.64 -3.90
O2 FAD B . 7.10 1.35 -4.92
N3 FAD B . 8.49 0.45 -3.42
C4 FAD B . 8.75 -0.33 -2.37
O4 FAD B . 9.93 -0.59 -2.03
C4X FAD B . 7.59 -0.91 -1.63
N5 FAD B . 7.76 -1.65 -0.51
C5X FAD B . 6.71 -2.28 0.07
C6 FAD B . 6.95 -3.14 1.15
C7 FAD B . 5.89 -3.80 1.76
C7M FAD B . 6.19 -4.72 2.92
C8 FAD B . 4.49 -3.59 1.27
C8M FAD B . 3.32 -4.29 1.91
C9 FAD B . 4.26 -2.73 0.19
C9A FAD B . 5.31 -2.06 -0.43
N10 FAD B . 5.09 -1.18 -1.52
C10 FAD B . 6.24 -0.66 -2.18
C1' FAD B . 3.75 -1.00 -2.10
C2' FAD B . 2.88 -0.04 -1.29
O2' FAD B . 1.50 -0.35 -1.53
C3' FAD B . 3.15 1.43 -1.62
O3' FAD B . 4.54 1.72 -1.38
C4' FAD B . 2.36 2.44 -0.80
O4' FAD B . 2.02 1.91 0.49
C5' FAD B . 1.12 2.93 -1.52
O5' FAD B . 0.50 3.92 -0.70
P FAD B . -1.09 4.06 -0.59
O1P FAD B . -1.66 3.79 -1.96
O2P FAD B . -1.40 5.36 0.11
O3P FAD B . -1.54 2.84 0.38
N ORN C . 10.79 -1.45 -10.39
CA ORN C . 9.78 -0.44 -9.94
CB ORN C . 9.49 -0.61 -8.45
CG ORN C . 8.81 -1.94 -8.15
CD ORN C . 8.36 -2.02 -6.70
NE ORN C . 8.34 -3.44 -6.25
C ORN C . 10.22 0.97 -10.23
O ORN C . 11.40 1.23 -10.50
OXT ORN C . 9.43 1.92 -10.22
S SO4 D . -9.59 -30.15 13.99
O1 SO4 D . -10.99 -30.39 14.42
O2 SO4 D . -9.24 -31.07 12.88
O3 SO4 D . -8.66 -30.38 15.12
O4 SO4 D . -9.47 -28.75 13.52
C1 GOL E . 24.74 19.01 6.47
O1 GOL E . 23.68 19.37 7.36
C2 GOL E . 24.19 18.12 5.36
O2 GOL E . 23.70 16.91 5.93
C3 GOL E . 25.30 17.71 4.42
O3 GOL E . 25.57 16.34 4.70
C1 GOL F . 18.55 -24.99 -1.55
O1 GOL F . 17.79 -25.92 -0.78
C2 GOL F . 19.89 -25.59 -1.94
O2 GOL F . 19.70 -26.95 -2.33
C3 GOL F . 20.86 -25.52 -0.77
O3 GOL F . 22.13 -26.05 -1.17
C1 GOL G . -8.28 -20.31 -3.88
O1 GOL G . -7.59 -21.56 -3.79
C2 GOL G . -8.04 -19.50 -2.63
O2 GOL G . -6.63 -19.29 -2.44
C3 GOL G . -8.74 -18.15 -2.73
O3 GOL G . -8.74 -17.52 -1.43
#